data_6FM2
#
_entry.id   6FM2
#
_cell.length_a   73.833
_cell.length_b   73.833
_cell.length_c   453.377
_cell.angle_alpha   90.00
_cell.angle_beta   90.00
_cell.angle_gamma   120.00
#
_symmetry.space_group_name_H-M   'P 61 2 2'
#
loop_
_entity.id
_entity.type
_entity.pdbx_description
1 polymer 'Actin, alpha skeletal muscle'
2 polymer 'Adenylyl cyclase-associated protein 1'
3 non-polymer 'MAGNESIUM ION'
4 non-polymer "ADENOSINE-5'-DIPHOSPHATE"
5 water water
#
loop_
_entity_poly.entity_id
_entity_poly.type
_entity_poly.pdbx_seq_one_letter_code
_entity_poly.pdbx_strand_id
1 'polypeptide(L)'
;DEDETTALVCDNGSGLVKAGFAGDDAPRAVFPSIVGRPRHQGVMVGMGQKDSYVGDEAQSKRGILTLKYPIE(HIC)GII
TNWDDMEKIWHHTFYNELRVAPEEHPTLLTEAPLNPKANREKMTQIMFETFNVPAMYVAIQAVLSLYASGRTTGIVLDSG
DGVTHNVPIYEGYALPHAIMRLDLAGRDLTDYLMKILTERGYSFVTTAEREIVRDIKEKLCYVALDFENEMATAASSSSL
EKSYELPDGQVITIGNERFRCPETLFQPSFIGMESAGIHETTYNSIMKCDIDIRKDLYANNVMSGGTTMYPGIADRMQKE
ITALAPSTMKIKIIAPPERKYSVWIGGSILASLSTFQQMWITKQEYDEAGPSIVHRKCF
;
A
2 'polypeptide(L)'
;EPALLELEGKKWRVENQENVSNLVIDDTELKQVAYIYKCVNTTLQIKGKINSITVDNCKKLGLVFDDVVGIVEIINSRDV
KVQVMGKVPTISINKTDGCHAYLSKNSLDCEIVSAKSSEMNVLIPTEGGDFNEFPVPEQFKTLWNGQKLVTTVTEIAG
;
B
#
loop_
_chem_comp.id
_chem_comp.type
_chem_comp.name
_chem_comp.formula
ADP non-polymer ADENOSINE-5'-DIPHOSPHATE 'C10 H15 N5 O10 P2'
MG non-polymer 'MAGNESIUM ION' 'Mg 2'
#
# COMPACT_ATOMS: atom_id res chain seq x y z
N THR A 5 -24.89 7.66 12.61
CA THR A 5 -24.67 6.23 12.88
C THR A 5 -23.15 5.89 12.91
N THR A 6 -22.63 5.61 14.13
CA THR A 6 -21.21 5.33 14.43
C THR A 6 -20.56 4.36 13.42
N ALA A 7 -19.66 4.89 12.57
CA ALA A 7 -18.95 4.14 11.54
C ALA A 7 -17.59 3.63 12.04
N LEU A 8 -17.20 2.41 11.64
CA LEU A 8 -15.91 1.89 12.11
C LEU A 8 -14.81 2.10 11.10
N VAL A 9 -13.61 2.36 11.61
CA VAL A 9 -12.40 2.49 10.78
C VAL A 9 -11.47 1.35 11.21
N CYS A 10 -11.06 0.51 10.23
CA CYS A 10 -10.17 -0.62 10.46
C CYS A 10 -8.94 -0.60 9.55
N ASP A 11 -7.78 -0.31 10.12
CA ASP A 11 -6.49 -0.31 9.43
C ASP A 11 -5.85 -1.68 9.62
N ASN A 12 -5.81 -2.46 8.55
CA ASN A 12 -5.26 -3.81 8.61
C ASN A 12 -3.73 -3.81 8.38
N GLY A 13 -2.96 -3.60 9.44
CA GLY A 13 -1.51 -3.50 9.36
C GLY A 13 -0.72 -4.79 9.27
N SER A 14 0.51 -4.71 8.71
CA SER A 14 1.44 -5.83 8.57
C SER A 14 1.91 -6.41 9.89
N GLY A 15 1.82 -5.58 10.95
CA GLY A 15 2.21 -5.94 12.31
C GLY A 15 1.09 -5.78 13.30
N LEU A 16 0.33 -4.70 13.17
CA LEU A 16 -0.76 -4.36 14.06
C LEU A 16 -2.01 -3.94 13.35
N VAL A 17 -3.16 -4.39 13.86
CA VAL A 17 -4.48 -3.97 13.38
C VAL A 17 -4.88 -2.79 14.25
N LYS A 18 -5.31 -1.66 13.63
CA LYS A 18 -5.78 -0.45 14.37
C LYS A 18 -7.25 -0.26 14.04
N ALA A 19 -8.11 -0.37 15.06
CA ALA A 19 -9.54 -0.23 14.87
C ALA A 19 -10.19 0.68 15.90
N GLY A 20 -11.34 1.22 15.51
CA GLY A 20 -12.09 2.13 16.35
C GLY A 20 -13.24 2.80 15.64
N PHE A 21 -13.61 3.97 16.13
CA PHE A 21 -14.75 4.70 15.61
C PHE A 21 -14.33 5.93 14.90
N ALA A 22 -14.92 6.17 13.72
CA ALA A 22 -14.67 7.35 12.90
C ALA A 22 -15.13 8.57 13.67
N GLY A 23 -14.19 9.48 13.89
CA GLY A 23 -14.41 10.69 14.66
C GLY A 23 -13.52 10.75 15.87
N ASP A 24 -13.16 9.58 16.42
CA ASP A 24 -12.30 9.46 17.59
C ASP A 24 -10.87 9.85 17.24
N ASP A 25 -10.20 10.60 18.13
CA ASP A 25 -8.82 11.11 17.98
C ASP A 25 -7.73 10.03 17.75
N ALA A 26 -8.03 8.75 18.05
CA ALA A 26 -7.06 7.65 17.86
C ALA A 26 -7.76 6.26 17.86
N PRO A 27 -7.12 5.17 17.33
CA PRO A 27 -7.78 3.85 17.35
C PRO A 27 -8.04 3.33 18.76
N ARG A 28 -9.27 2.82 18.99
CA ARG A 28 -9.69 2.28 20.31
C ARG A 28 -8.99 0.95 20.59
N ALA A 29 -8.73 0.12 19.55
CA ALA A 29 -8.09 -1.19 19.63
C ALA A 29 -6.81 -1.24 18.79
N VAL A 30 -5.65 -1.63 19.39
CA VAL A 30 -4.36 -1.78 18.68
C VAL A 30 -3.74 -3.12 19.07
N PHE A 31 -3.90 -4.15 18.21
CA PHE A 31 -3.37 -5.49 18.56
C PHE A 31 -2.58 -6.19 17.43
N PRO A 32 -1.73 -7.21 17.71
CA PRO A 32 -0.97 -7.87 16.64
C PRO A 32 -1.84 -8.62 15.64
N SER A 33 -1.58 -8.37 14.35
CA SER A 33 -2.30 -9.03 13.28
C SER A 33 -1.71 -10.42 13.07
N ILE A 34 -1.85 -11.26 14.13
CA ILE A 34 -1.39 -12.64 14.21
C ILE A 34 -2.61 -13.51 14.55
N VAL A 35 -2.81 -14.62 13.82
CA VAL A 35 -3.84 -15.60 14.15
C VAL A 35 -3.07 -16.85 14.55
N GLY A 36 -3.39 -17.44 15.70
CA GLY A 36 -2.79 -18.67 16.19
C GLY A 36 -3.73 -19.85 16.08
N ARG A 37 -3.23 -20.98 15.58
CA ARG A 37 -4.06 -22.17 15.37
C ARG A 37 -3.44 -23.39 16.04
N PRO A 38 -4.26 -24.40 16.48
CA PRO A 38 -3.66 -25.61 17.08
C PRO A 38 -2.88 -26.37 16.02
N ARG A 39 -1.80 -27.07 16.41
CA ARG A 39 -0.95 -27.76 15.44
C ARG A 39 -1.57 -29.08 14.90
N HIS A 40 -1.76 -29.17 13.54
CA HIS A 40 -2.34 -30.31 12.82
C HIS A 40 -1.45 -30.80 11.64
N GLN A 41 -1.49 -32.12 11.32
CA GLN A 41 -0.62 -32.64 10.27
C GLN A 41 -1.17 -33.80 9.42
N GLY A 42 -2.39 -34.25 9.70
CA GLY A 42 -2.95 -35.37 8.95
C GLY A 42 -3.68 -34.96 7.69
N VAL A 43 -4.92 -35.46 7.56
CA VAL A 43 -5.84 -35.11 6.50
C VAL A 43 -6.21 -33.65 6.86
N MET A 44 -5.64 -32.68 6.10
CA MET A 44 -5.82 -31.26 6.36
C MET A 44 -7.06 -30.64 5.66
N VAL A 45 -8.21 -31.33 5.68
CA VAL A 45 -9.42 -30.75 5.09
C VAL A 45 -10.47 -30.48 6.17
N GLY A 46 -10.84 -29.21 6.29
CA GLY A 46 -11.79 -28.71 7.28
C GLY A 46 -13.23 -29.16 7.15
N MET A 47 -13.70 -29.95 8.14
CA MET A 47 -15.08 -30.42 8.26
C MET A 47 -15.93 -29.26 8.84
N GLY A 48 -15.58 -28.82 10.05
CA GLY A 48 -16.27 -27.73 10.74
C GLY A 48 -15.38 -26.91 11.66
N GLN A 49 -14.19 -26.50 11.14
CA GLN A 49 -13.12 -25.67 11.72
C GLN A 49 -13.21 -25.44 13.25
N LYS A 50 -12.25 -26.01 14.00
CA LYS A 50 -12.23 -25.83 15.45
C LYS A 50 -11.48 -24.54 15.87
N ASP A 51 -11.36 -24.33 17.20
CA ASP A 51 -10.73 -23.24 17.97
C ASP A 51 -9.60 -22.47 17.26
N SER A 52 -9.53 -21.17 17.55
CA SER A 52 -8.53 -20.23 17.05
C SER A 52 -8.38 -19.10 18.08
N TYR A 53 -7.17 -18.51 18.19
CA TYR A 53 -6.84 -17.38 19.08
C TYR A 53 -6.16 -16.26 18.26
N VAL A 54 -6.60 -15.00 18.42
CA VAL A 54 -6.08 -13.83 17.68
C VAL A 54 -5.33 -12.89 18.64
N GLY A 55 -4.43 -12.08 18.08
CA GLY A 55 -3.68 -11.04 18.74
C GLY A 55 -2.65 -11.43 19.77
N ASP A 56 -2.61 -10.68 20.91
CA ASP A 56 -1.68 -10.84 22.03
C ASP A 56 -1.77 -12.25 22.63
N GLU A 57 -2.99 -12.81 22.66
CA GLU A 57 -3.32 -14.15 23.13
C GLU A 57 -2.59 -15.18 22.24
N ALA A 58 -2.67 -15.02 20.91
CA ALA A 58 -1.96 -15.88 19.95
C ALA A 58 -0.46 -15.80 20.20
N GLN A 59 0.12 -14.59 20.00
CA GLN A 59 1.53 -14.23 20.20
C GLN A 59 2.12 -14.80 21.51
N SER A 60 1.37 -14.76 22.62
CA SER A 60 1.90 -15.27 23.89
C SER A 60 1.99 -16.80 23.86
N LYS A 61 1.00 -17.47 23.23
CA LYS A 61 0.96 -18.92 23.12
C LYS A 61 1.80 -19.46 21.92
N ARG A 62 2.80 -18.65 21.47
CA ARG A 62 3.73 -18.87 20.34
C ARG A 62 4.31 -20.28 20.24
N GLY A 63 4.80 -20.80 21.35
CA GLY A 63 5.43 -22.12 21.40
C GLY A 63 4.52 -23.28 21.02
N ILE A 64 3.30 -23.31 21.58
CA ILE A 64 2.34 -24.40 21.41
C ILE A 64 1.37 -24.25 20.23
N LEU A 65 1.44 -23.13 19.51
CA LEU A 65 0.53 -22.92 18.40
C LEU A 65 1.20 -22.61 17.07
N THR A 66 0.58 -23.05 15.98
CA THR A 66 1.12 -22.61 14.71
C THR A 66 0.55 -21.18 14.48
N LEU A 67 1.42 -20.17 14.40
CA LEU A 67 0.97 -18.79 14.19
C LEU A 67 0.97 -18.44 12.71
N LYS A 68 -0.09 -17.79 12.30
CA LYS A 68 -0.31 -17.35 10.93
C LYS A 68 -0.22 -15.85 10.95
N TYR A 69 0.56 -15.30 10.04
CA TYR A 69 0.75 -13.86 9.86
C TYR A 69 0.15 -13.57 8.47
N PRO A 70 -1.17 -13.28 8.33
CA PRO A 70 -1.73 -13.12 6.98
C PRO A 70 -1.41 -11.80 6.27
N ILE A 71 -1.10 -10.76 7.04
CA ILE A 71 -0.80 -9.42 6.48
C ILE A 71 0.72 -9.15 6.50
N GLU A 72 1.53 -10.21 6.73
CA GLU A 72 2.98 -10.15 6.94
C GLU A 72 3.71 -9.10 6.10
N HIC A 73 3.31 -8.91 4.84
CA HIC A 73 3.98 -7.98 3.95
C HIC A 73 3.12 -6.84 3.45
O HIC A 73 3.47 -6.20 2.45
CB HIC A 73 4.65 -8.79 2.85
CG HIC A 73 5.83 -9.53 3.36
ND1 HIC A 73 6.04 -10.87 3.06
CD2 HIC A 73 6.80 -9.07 4.21
CE1 HIC A 73 7.12 -11.19 3.75
NE2 HIC A 73 7.60 -10.15 4.45
CZ HIC A 73 8.78 -10.15 5.32
N GLY A 74 2.04 -6.56 4.15
CA GLY A 74 1.11 -5.50 3.80
C GLY A 74 -0.15 -5.99 3.13
N ILE A 75 -0.02 -6.95 2.16
CA ILE A 75 -1.10 -7.59 1.38
C ILE A 75 -1.61 -8.86 2.10
N ILE A 76 -2.95 -8.99 2.22
CA ILE A 76 -3.59 -10.14 2.89
C ILE A 76 -3.46 -11.35 1.98
N THR A 77 -2.88 -12.42 2.48
CA THR A 77 -2.65 -13.63 1.70
C THR A 77 -3.61 -14.79 2.07
N ASN A 78 -4.38 -14.63 3.14
CA ASN A 78 -5.25 -15.69 3.66
C ASN A 78 -6.51 -15.08 4.20
N TRP A 79 -7.64 -15.50 3.64
CA TRP A 79 -8.93 -14.93 4.00
C TRP A 79 -9.54 -15.59 5.21
N ASP A 80 -9.38 -16.93 5.42
CA ASP A 80 -9.93 -17.51 6.64
C ASP A 80 -9.24 -16.91 7.88
N ASP A 81 -7.89 -16.74 7.80
CA ASP A 81 -7.11 -16.05 8.84
C ASP A 81 -7.61 -14.61 8.98
N MET A 82 -7.81 -13.85 7.85
CA MET A 82 -8.30 -12.45 7.90
C MET A 82 -9.67 -12.32 8.56
N GLU A 83 -10.63 -13.20 8.22
CA GLU A 83 -11.96 -13.30 8.84
C GLU A 83 -11.83 -13.48 10.36
N LYS A 84 -10.82 -14.26 10.82
CA LYS A 84 -10.59 -14.45 12.27
C LYS A 84 -10.07 -13.13 12.91
N ILE A 85 -9.23 -12.36 12.17
CA ILE A 85 -8.67 -11.09 12.66
C ILE A 85 -9.80 -10.08 12.74
N TRP A 86 -10.67 -10.03 11.72
CA TRP A 86 -11.82 -9.14 11.68
C TRP A 86 -12.88 -9.51 12.74
N HIS A 87 -13.28 -10.80 12.83
CA HIS A 87 -14.23 -11.26 13.84
C HIS A 87 -13.77 -10.94 15.29
N HIS A 88 -12.45 -10.94 15.53
CA HIS A 88 -11.85 -10.63 16.84
C HIS A 88 -11.88 -9.11 17.04
N THR A 89 -11.66 -8.34 15.94
CA THR A 89 -11.69 -6.87 15.93
C THR A 89 -13.11 -6.41 16.33
N PHE A 90 -14.15 -6.96 15.67
CA PHE A 90 -15.53 -6.59 15.93
C PHE A 90 -16.02 -6.97 17.32
N TYR A 91 -16.27 -8.25 17.52
CA TYR A 91 -16.88 -8.80 18.73
C TYR A 91 -16.03 -8.76 20.02
N ASN A 92 -14.72 -9.01 19.93
CA ASN A 92 -13.86 -9.07 21.13
C ASN A 92 -13.10 -7.77 21.45
N GLU A 93 -12.48 -7.12 20.46
CA GLU A 93 -11.73 -5.90 20.74
C GLU A 93 -12.63 -4.66 20.85
N LEU A 94 -13.41 -4.35 19.79
CA LEU A 94 -14.31 -3.20 19.74
C LEU A 94 -15.66 -3.46 20.39
N ARG A 95 -16.00 -4.75 20.65
CA ARG A 95 -17.24 -5.19 21.30
C ARG A 95 -18.51 -4.57 20.65
N VAL A 96 -18.60 -4.64 19.32
CA VAL A 96 -19.73 -4.07 18.55
C VAL A 96 -20.31 -5.10 17.57
N ALA A 97 -21.54 -4.85 17.07
CA ALA A 97 -22.18 -5.72 16.09
C ALA A 97 -21.87 -5.18 14.68
N PRO A 98 -21.05 -5.87 13.84
CA PRO A 98 -20.73 -5.33 12.50
C PRO A 98 -21.94 -4.96 11.64
N GLU A 99 -23.07 -5.67 11.82
CA GLU A 99 -24.34 -5.44 11.11
C GLU A 99 -24.93 -4.04 11.30
N GLU A 100 -24.53 -3.33 12.37
CA GLU A 100 -25.04 -1.99 12.72
C GLU A 100 -24.14 -0.82 12.31
N HIS A 101 -22.89 -1.10 11.96
CA HIS A 101 -21.93 -0.04 11.67
C HIS A 101 -21.34 -0.11 10.25
N PRO A 102 -21.42 0.99 9.45
CA PRO A 102 -20.74 0.98 8.14
C PRO A 102 -19.23 0.91 8.39
N THR A 103 -18.49 0.12 7.59
CA THR A 103 -17.07 -0.09 7.91
C THR A 103 -16.08 0.30 6.81
N LEU A 104 -15.04 1.03 7.21
CA LEU A 104 -13.99 1.44 6.30
C LEU A 104 -12.76 0.55 6.52
N LEU A 105 -12.12 0.13 5.43
CA LEU A 105 -10.95 -0.75 5.48
C LEU A 105 -9.77 -0.09 4.81
N THR A 106 -8.58 -0.24 5.39
CA THR A 106 -7.41 0.30 4.73
C THR A 106 -6.82 -0.81 3.84
N GLU A 107 -6.24 -0.42 2.71
CA GLU A 107 -5.62 -1.34 1.78
C GLU A 107 -4.14 -0.96 1.53
N ALA A 108 -3.28 -2.00 1.36
CA ALA A 108 -1.84 -1.86 1.08
C ALA A 108 -1.59 -1.23 -0.33
N PRO A 109 -0.39 -0.66 -0.62
CA PRO A 109 -0.15 -0.18 -1.99
C PRO A 109 0.20 -1.40 -2.86
N LEU A 110 -0.19 -1.31 -4.13
CA LEU A 110 -0.03 -2.37 -5.14
C LEU A 110 -0.86 -3.61 -4.78
N ASN A 111 -2.08 -3.33 -4.27
CA ASN A 111 -3.04 -4.35 -3.90
C ASN A 111 -3.85 -4.85 -5.09
N PRO A 112 -3.86 -6.18 -5.29
CA PRO A 112 -4.62 -6.79 -6.40
C PRO A 112 -6.12 -6.45 -6.44
N LYS A 113 -6.64 -6.30 -7.67
CA LYS A 113 -8.06 -5.98 -7.89
C LYS A 113 -8.95 -7.05 -7.23
N ALA A 114 -8.51 -8.33 -7.27
CA ALA A 114 -9.16 -9.46 -6.61
C ALA A 114 -9.12 -9.28 -5.10
N ASN A 115 -8.00 -8.75 -4.55
CA ASN A 115 -7.88 -8.53 -3.10
C ASN A 115 -8.94 -7.55 -2.60
N ARG A 116 -9.09 -6.36 -3.25
CA ARG A 116 -10.14 -5.38 -2.88
C ARG A 116 -11.54 -5.96 -3.05
N GLU A 117 -11.76 -6.81 -4.09
CA GLU A 117 -13.05 -7.46 -4.34
C GLU A 117 -13.44 -8.43 -3.21
N LYS A 118 -12.46 -9.21 -2.71
CA LYS A 118 -12.67 -10.18 -1.62
C LYS A 118 -12.96 -9.47 -0.29
N MET A 119 -12.33 -8.28 -0.05
CA MET A 119 -12.53 -7.44 1.15
C MET A 119 -13.98 -7.05 1.23
N THR A 120 -14.53 -6.65 0.09
CA THR A 120 -15.93 -6.26 -0.07
C THR A 120 -16.82 -7.47 0.19
N GLN A 121 -16.46 -8.62 -0.40
CA GLN A 121 -17.25 -9.83 -0.25
C GLN A 121 -17.38 -10.25 1.19
N ILE A 122 -16.26 -10.39 1.89
CA ILE A 122 -16.22 -10.80 3.28
C ILE A 122 -17.03 -9.83 4.15
N MET A 123 -16.84 -8.53 3.94
CA MET A 123 -17.54 -7.52 4.72
C MET A 123 -19.07 -7.69 4.65
N PHE A 124 -19.60 -7.82 3.45
CA PHE A 124 -21.04 -7.94 3.24
C PHE A 124 -21.60 -9.30 3.55
N GLU A 125 -20.98 -10.33 2.99
CA GLU A 125 -21.42 -11.71 3.14
C GLU A 125 -21.10 -12.33 4.51
N THR A 126 -19.84 -12.22 4.99
CA THR A 126 -19.39 -12.82 6.26
C THR A 126 -19.68 -11.94 7.49
N PHE A 127 -19.87 -10.62 7.35
CA PHE A 127 -20.14 -9.81 8.57
C PHE A 127 -21.48 -9.08 8.56
N ASN A 128 -22.26 -9.18 7.46
CA ASN A 128 -23.59 -8.58 7.25
C ASN A 128 -23.61 -7.03 7.47
N VAL A 129 -22.51 -6.33 7.10
CA VAL A 129 -22.35 -4.88 7.30
C VAL A 129 -23.39 -4.07 6.52
N PRO A 130 -23.87 -2.93 7.05
CA PRO A 130 -24.85 -2.13 6.29
C PRO A 130 -24.24 -1.44 5.06
N ALA A 131 -22.95 -1.08 5.13
CA ALA A 131 -22.14 -0.45 4.11
C ALA A 131 -20.67 -0.70 4.40
N MET A 132 -19.79 -0.37 3.46
CA MET A 132 -18.34 -0.49 3.63
C MET A 132 -17.58 0.41 2.63
N TYR A 133 -16.23 0.44 2.70
CA TYR A 133 -15.34 1.24 1.82
C TYR A 133 -13.89 0.74 1.92
N VAL A 134 -13.14 0.84 0.82
CA VAL A 134 -11.74 0.43 0.70
C VAL A 134 -10.94 1.70 0.30
N ALA A 135 -10.03 2.12 1.17
CA ALA A 135 -9.19 3.26 0.91
C ALA A 135 -7.74 2.83 1.03
N ILE A 136 -6.86 3.38 0.18
CA ILE A 136 -5.42 3.05 0.19
C ILE A 136 -4.72 3.72 1.42
N GLN A 137 -3.80 2.99 2.04
CA GLN A 137 -3.08 3.42 3.26
C GLN A 137 -2.36 4.77 3.16
N ALA A 138 -1.43 4.89 2.18
CA ALA A 138 -0.60 6.06 1.93
C ALA A 138 -1.44 7.32 1.65
N VAL A 139 -2.57 7.14 0.90
CA VAL A 139 -3.55 8.14 0.53
C VAL A 139 -4.16 8.69 1.81
N LEU A 140 -4.62 7.79 2.72
CA LEU A 140 -5.23 8.20 4.00
C LEU A 140 -4.27 9.00 4.87
N SER A 141 -2.96 8.69 4.78
CA SER A 141 -1.89 9.37 5.52
C SER A 141 -1.67 10.76 4.99
N LEU A 142 -1.73 10.91 3.66
CA LEU A 142 -1.58 12.18 2.96
C LEU A 142 -2.80 13.04 3.29
N TYR A 143 -4.02 12.47 3.13
CA TYR A 143 -5.31 13.07 3.48
C TYR A 143 -5.31 13.61 4.94
N ALA A 144 -4.56 12.94 5.87
CA ALA A 144 -4.44 13.40 7.26
C ALA A 144 -3.68 14.72 7.30
N SER A 145 -2.64 14.90 6.47
CA SER A 145 -1.87 16.15 6.43
C SER A 145 -2.58 17.26 5.62
N GLY A 146 -3.84 17.00 5.25
CA GLY A 146 -4.71 17.86 4.47
C GLY A 146 -4.39 17.83 2.99
N ARG A 147 -3.19 17.31 2.64
CA ARG A 147 -2.64 17.19 1.28
C ARG A 147 -3.30 16.09 0.49
N THR A 148 -3.37 16.25 -0.88
CA THR A 148 -3.78 15.18 -1.83
C THR A 148 -2.62 14.88 -2.80
N THR A 149 -1.48 15.58 -2.67
CA THR A 149 -0.28 15.35 -3.49
C THR A 149 0.97 15.31 -2.62
N GLY A 150 1.76 14.25 -2.76
CA GLY A 150 3.00 14.09 -2.02
C GLY A 150 3.56 12.69 -2.08
N ILE A 151 4.82 12.51 -1.66
CA ILE A 151 5.43 11.18 -1.62
C ILE A 151 5.40 10.68 -0.18
N VAL A 152 4.57 9.68 0.12
CA VAL A 152 4.46 9.17 1.50
C VAL A 152 5.53 8.08 1.73
N LEU A 153 6.30 8.20 2.84
CA LEU A 153 7.26 7.18 3.31
C LEU A 153 6.53 6.58 4.50
N ASP A 154 6.01 5.36 4.30
CA ASP A 154 5.27 4.58 5.27
C ASP A 154 6.13 3.44 5.72
N SER A 155 6.56 3.51 6.97
CA SER A 155 7.39 2.50 7.60
C SER A 155 6.64 1.95 8.81
N GLY A 156 6.18 0.73 8.62
CA GLY A 156 5.38 0.03 9.60
C GLY A 156 6.20 -1.02 10.26
N ASP A 157 5.59 -2.17 10.49
CA ASP A 157 6.21 -3.25 11.24
C ASP A 157 6.96 -4.24 10.35
N GLY A 158 6.34 -4.66 9.27
CA GLY A 158 6.92 -5.66 8.37
C GLY A 158 7.33 -5.20 7.00
N VAL A 159 6.86 -4.01 6.57
CA VAL A 159 7.12 -3.45 5.25
C VAL A 159 7.24 -1.90 5.21
N THR A 160 8.09 -1.37 4.29
CA THR A 160 8.28 0.06 4.09
C THR A 160 7.98 0.40 2.65
N HIS A 161 7.08 1.36 2.46
CA HIS A 161 6.68 1.80 1.13
C HIS A 161 6.94 3.26 0.90
N ASN A 162 7.32 3.57 -0.34
CA ASN A 162 7.45 4.95 -0.80
C ASN A 162 6.29 5.02 -1.77
N VAL A 163 5.31 5.92 -1.55
CA VAL A 163 4.12 5.98 -2.42
C VAL A 163 3.86 7.38 -2.96
N PRO A 164 4.32 7.68 -4.19
CA PRO A 164 4.02 9.01 -4.78
C PRO A 164 2.53 9.12 -5.12
N ILE A 165 1.90 10.24 -4.76
CA ILE A 165 0.48 10.48 -5.00
C ILE A 165 0.22 11.84 -5.64
N TYR A 166 -0.52 11.86 -6.77
CA TYR A 166 -0.91 13.09 -7.46
C TYR A 166 -2.43 13.19 -7.51
N GLU A 167 -2.97 14.23 -6.86
CA GLU A 167 -4.41 14.51 -6.74
C GLU A 167 -5.23 13.31 -6.20
N GLY A 168 -4.69 12.67 -5.17
CA GLY A 168 -5.34 11.56 -4.48
C GLY A 168 -5.35 10.26 -5.21
N TYR A 169 -4.49 10.11 -6.25
CA TYR A 169 -4.34 8.91 -7.08
C TYR A 169 -2.88 8.48 -7.12
N ALA A 170 -2.57 7.28 -6.56
CA ALA A 170 -1.18 6.82 -6.51
C ALA A 170 -0.62 6.50 -7.87
N LEU A 171 0.68 6.79 -8.07
CA LEU A 171 1.49 6.54 -9.26
C LEU A 171 2.15 5.16 -9.02
N PRO A 172 1.50 4.05 -9.44
CA PRO A 172 2.02 2.73 -9.12
C PRO A 172 3.38 2.35 -9.65
N HIS A 173 3.86 2.94 -10.77
CA HIS A 173 5.19 2.57 -11.29
C HIS A 173 6.30 3.03 -10.34
N ALA A 174 6.04 4.10 -9.59
CA ALA A 174 7.01 4.70 -8.71
C ALA A 174 6.90 4.24 -7.21
N ILE A 175 5.93 3.40 -6.89
CA ILE A 175 5.80 2.85 -5.54
C ILE A 175 7.03 1.95 -5.32
N MET A 176 7.71 2.09 -4.16
CA MET A 176 8.92 1.33 -3.82
C MET A 176 8.64 0.56 -2.57
N ARG A 177 8.86 -0.75 -2.62
CA ARG A 177 8.72 -1.66 -1.48
C ARG A 177 10.09 -1.98 -0.96
N LEU A 178 10.23 -1.93 0.35
CA LEU A 178 11.45 -2.21 1.07
C LEU A 178 10.99 -3.11 2.19
N ASP A 179 11.36 -4.39 2.14
CA ASP A 179 10.90 -5.35 3.15
C ASP A 179 11.83 -5.31 4.37
N LEU A 180 11.93 -4.11 4.97
CA LEU A 180 12.74 -3.74 6.11
C LEU A 180 11.92 -2.71 6.85
N ALA A 181 11.51 -3.01 8.09
CA ALA A 181 10.70 -2.10 8.89
C ALA A 181 10.91 -2.30 10.41
N GLY A 182 9.84 -2.09 11.19
CA GLY A 182 9.86 -2.18 12.64
C GLY A 182 10.44 -3.44 13.22
N ARG A 183 9.95 -4.62 12.74
CA ARG A 183 10.40 -5.89 13.30
C ARG A 183 11.86 -6.13 13.05
N ASP A 184 12.36 -5.60 11.96
CA ASP A 184 13.76 -5.71 11.58
C ASP A 184 14.65 -4.89 12.49
N LEU A 185 14.24 -3.65 12.81
CA LEU A 185 15.02 -2.79 13.70
C LEU A 185 15.14 -3.36 15.14
N THR A 186 14.02 -3.93 15.65
CA THR A 186 13.90 -4.57 16.96
C THR A 186 14.87 -5.78 16.97
N ASP A 187 14.87 -6.56 15.86
CA ASP A 187 15.72 -7.71 15.72
C ASP A 187 17.20 -7.29 15.77
N TYR A 188 17.55 -6.22 15.03
CA TYR A 188 18.94 -5.73 14.97
C TYR A 188 19.37 -5.20 16.34
N LEU A 189 18.46 -4.46 17.02
CA LEU A 189 18.75 -3.96 18.35
C LEU A 189 19.10 -5.12 19.27
N MET A 190 18.36 -6.26 19.18
CA MET A 190 18.66 -7.47 19.96
C MET A 190 20.07 -7.99 19.60
N LYS A 191 20.39 -8.10 18.28
CA LYS A 191 21.69 -8.58 17.76
C LYS A 191 22.85 -7.73 18.32
N ILE A 192 22.73 -6.38 18.24
CA ILE A 192 23.81 -5.49 18.67
C ILE A 192 23.87 -5.25 20.23
N LEU A 193 22.84 -5.69 20.98
CA LEU A 193 22.82 -5.58 22.44
C LEU A 193 23.54 -6.76 23.08
N THR A 194 23.72 -7.85 22.30
CA THR A 194 24.47 -9.04 22.70
C THR A 194 25.97 -8.68 22.89
N GLU A 195 26.43 -7.64 22.15
CA GLU A 195 27.79 -7.08 22.13
C GLU A 195 28.22 -6.60 23.52
N ARG A 196 27.33 -5.82 24.20
CA ARG A 196 27.51 -5.26 25.54
C ARG A 196 27.32 -6.33 26.62
N GLY A 197 27.02 -7.56 26.18
CA GLY A 197 26.80 -8.71 27.04
C GLY A 197 25.38 -8.89 27.52
N TYR A 198 24.41 -8.14 26.93
CA TYR A 198 23.00 -8.27 27.29
C TYR A 198 22.36 -9.29 26.36
N SER A 199 21.64 -10.28 26.93
CA SER A 199 21.02 -11.37 26.19
C SER A 199 19.49 -11.36 26.23
N PHE A 200 18.87 -10.82 25.16
CA PHE A 200 17.41 -10.79 25.00
C PHE A 200 17.04 -11.84 23.96
N VAL A 201 16.37 -12.94 24.39
CA VAL A 201 16.04 -14.05 23.50
C VAL A 201 14.56 -14.44 23.59
N THR A 202 13.99 -14.52 24.84
CA THR A 202 12.58 -14.88 25.00
C THR A 202 11.63 -13.90 24.29
N THR A 203 10.44 -14.39 23.90
CA THR A 203 9.38 -13.59 23.30
C THR A 203 9.11 -12.40 24.24
N ALA A 204 9.24 -12.67 25.56
CA ALA A 204 9.06 -11.66 26.61
C ALA A 204 10.20 -10.65 26.63
N GLU A 205 11.46 -11.09 26.37
CA GLU A 205 12.63 -10.19 26.30
C GLU A 205 12.58 -9.29 25.07
N ARG A 206 12.00 -9.79 23.96
CA ARG A 206 11.86 -9.00 22.73
C ARG A 206 11.05 -7.76 23.01
N GLU A 207 10.03 -7.88 23.89
CA GLU A 207 9.14 -6.80 24.29
C GLU A 207 9.90 -5.64 24.89
N ILE A 208 10.96 -5.98 25.65
CA ILE A 208 11.88 -5.02 26.28
C ILE A 208 12.72 -4.31 25.20
N VAL A 209 13.21 -5.07 24.21
CA VAL A 209 14.00 -4.52 23.12
C VAL A 209 13.16 -3.54 22.28
N ARG A 210 11.90 -3.91 22.02
CA ARG A 210 10.93 -3.08 21.33
C ARG A 210 10.77 -1.82 22.16
N ASP A 211 10.64 -1.96 23.49
CA ASP A 211 10.50 -0.82 24.38
C ASP A 211 11.71 0.12 24.33
N ILE A 212 12.95 -0.45 24.38
CA ILE A 212 14.21 0.31 24.32
C ILE A 212 14.22 1.15 23.04
N LYS A 213 14.09 0.48 21.87
CA LYS A 213 14.03 1.05 20.52
C LYS A 213 13.12 2.27 20.45
N GLU A 214 11.88 2.11 20.92
CA GLU A 214 10.83 3.11 20.91
C GLU A 214 11.13 4.30 21.80
N LYS A 215 11.94 4.06 22.88
CA LYS A 215 12.27 5.05 23.90
C LYS A 215 13.63 5.75 23.77
N LEU A 216 14.71 4.97 23.58
CA LEU A 216 16.08 5.50 23.53
C LEU A 216 16.69 5.66 22.14
N CYS A 217 16.16 4.97 21.12
CA CYS A 217 16.73 5.00 19.78
C CYS A 217 16.38 6.24 18.97
N TYR A 218 17.42 6.93 18.50
CA TYR A 218 17.32 8.13 17.69
C TYR A 218 18.08 7.96 16.38
N VAL A 219 17.75 8.77 15.37
CA VAL A 219 18.43 8.77 14.07
C VAL A 219 19.46 9.91 14.09
N ALA A 220 20.75 9.55 13.93
CA ALA A 220 21.86 10.47 13.90
C ALA A 220 21.84 11.32 12.61
N LEU A 221 22.11 12.63 12.73
CA LEU A 221 22.18 13.57 11.61
C LEU A 221 23.36 13.24 10.69
N ASP A 222 24.49 12.87 11.32
CA ASP A 222 25.73 12.44 10.70
C ASP A 222 26.15 11.27 11.57
N PHE A 223 26.08 10.04 11.00
CA PHE A 223 26.37 8.78 11.68
C PHE A 223 27.82 8.69 12.21
N GLU A 224 28.81 8.99 11.35
CA GLU A 224 30.25 8.97 11.68
C GLU A 224 30.65 9.99 12.76
N ASN A 225 30.02 11.19 12.74
CA ASN A 225 30.23 12.27 13.72
C ASN A 225 29.79 11.73 15.07
N GLU A 226 28.64 11.02 15.08
CA GLU A 226 28.06 10.43 16.28
C GLU A 226 28.83 9.21 16.74
N MET A 227 29.37 8.40 15.80
CA MET A 227 30.16 7.22 16.14
C MET A 227 31.50 7.58 16.80
N ALA A 228 32.04 8.78 16.47
CA ALA A 228 33.26 9.35 17.03
C ALA A 228 32.96 10.03 18.38
N THR A 229 31.77 10.68 18.49
CA THR A 229 31.28 11.33 19.72
C THR A 229 31.02 10.23 20.77
N ALA A 230 30.48 9.08 20.33
CA ALA A 230 30.20 7.92 21.18
C ALA A 230 31.49 7.24 21.63
N ALA A 231 32.55 7.29 20.79
CA ALA A 231 33.86 6.69 21.05
C ALA A 231 34.73 7.53 22.00
N SER A 232 34.64 8.88 21.91
CA SER A 232 35.42 9.84 22.70
C SER A 232 34.92 10.02 24.15
N SER A 233 33.59 10.18 24.30
CA SER A 233 32.91 10.40 25.57
C SER A 233 31.71 9.46 25.72
N SER A 234 31.15 9.37 26.95
CA SER A 234 29.95 8.58 27.25
C SER A 234 28.72 9.52 27.30
N SER A 235 28.84 10.71 26.66
CA SER A 235 27.85 11.79 26.57
C SER A 235 26.53 11.33 25.97
N LEU A 236 26.61 10.51 24.89
CA LEU A 236 25.46 9.96 24.17
C LEU A 236 24.84 8.72 24.86
N GLU A 237 25.59 8.07 25.77
CA GLU A 237 25.13 6.87 26.51
C GLU A 237 23.94 7.19 27.38
N LYS A 238 23.02 6.24 27.51
CA LYS A 238 21.82 6.37 28.34
C LYS A 238 21.50 5.07 29.08
N SER A 239 20.78 5.18 30.19
CA SER A 239 20.40 4.07 31.07
C SER A 239 18.94 3.65 30.84
N TYR A 240 18.64 2.36 31.01
CA TYR A 240 17.30 1.81 30.85
C TYR A 240 17.03 0.82 31.99
N GLU A 241 15.82 0.90 32.57
CA GLU A 241 15.41 0.01 33.66
C GLU A 241 14.60 -1.15 33.14
N LEU A 242 15.02 -2.37 33.50
CA LEU A 242 14.37 -3.61 33.08
C LEU A 242 13.23 -3.99 34.06
N PRO A 243 12.25 -4.84 33.64
CA PRO A 243 11.12 -5.17 34.53
C PRO A 243 11.50 -5.55 35.96
N ASP A 244 12.54 -6.39 36.14
CA ASP A 244 13.04 -6.85 37.45
C ASP A 244 13.64 -5.73 38.30
N GLY A 245 13.94 -4.61 37.67
CA GLY A 245 14.51 -3.43 38.33
C GLY A 245 15.99 -3.25 38.13
N GLN A 246 16.60 -4.00 37.19
CA GLN A 246 18.01 -3.81 36.93
C GLN A 246 18.17 -2.72 35.90
N VAL A 247 19.28 -1.99 35.95
CA VAL A 247 19.53 -0.91 35.00
C VAL A 247 20.70 -1.25 34.06
N ILE A 248 20.42 -1.19 32.76
CA ILE A 248 21.38 -1.47 31.69
C ILE A 248 21.75 -0.16 31.04
N THR A 249 23.01 -0.01 30.65
CA THR A 249 23.48 1.23 30.04
C THR A 249 23.75 0.92 28.62
N ILE A 250 23.05 1.62 27.70
CA ILE A 250 23.23 1.43 26.26
C ILE A 250 23.93 2.66 25.66
N GLY A 251 24.87 2.38 24.77
CA GLY A 251 25.70 3.37 24.11
C GLY A 251 25.27 3.58 22.67
N ASN A 252 26.24 3.41 21.72
CA ASN A 252 26.09 3.60 20.28
C ASN A 252 24.93 2.83 19.63
N GLU A 253 24.35 1.84 20.35
CA GLU A 253 23.21 1.05 19.86
C GLU A 253 22.00 1.95 19.55
N ARG A 254 21.91 3.09 20.28
CA ARG A 254 20.88 4.12 20.18
C ARG A 254 20.67 4.63 18.77
N PHE A 255 21.75 4.86 18.03
CA PHE A 255 21.67 5.38 16.66
C PHE A 255 21.99 4.36 15.56
N ARG A 256 22.68 3.26 15.91
CA ARG A 256 23.06 2.17 14.99
C ARG A 256 21.84 1.33 14.55
N CYS A 257 20.81 1.24 15.43
CA CYS A 257 19.56 0.52 15.16
C CYS A 257 18.70 1.22 14.09
N PRO A 258 18.34 2.53 14.15
CA PRO A 258 17.54 3.10 13.06
C PRO A 258 18.40 3.55 11.87
N GLU A 259 19.74 3.34 11.95
CA GLU A 259 20.66 3.63 10.85
C GLU A 259 20.54 2.52 9.80
N THR A 260 19.93 1.37 10.17
CA THR A 260 19.71 0.30 9.23
C THR A 260 18.72 0.77 8.16
N LEU A 261 17.81 1.70 8.52
CA LEU A 261 16.83 2.28 7.59
C LEU A 261 17.52 2.98 6.43
N PHE A 262 18.64 3.66 6.72
CA PHE A 262 19.44 4.40 5.74
C PHE A 262 20.57 3.53 5.15
N GLN A 263 21.15 2.62 5.97
CA GLN A 263 22.24 1.69 5.62
C GLN A 263 21.81 0.20 5.79
N PRO A 264 21.01 -0.38 4.85
CA PRO A 264 20.51 -1.76 5.03
C PRO A 264 21.57 -2.87 5.10
N SER A 265 22.79 -2.56 4.66
CA SER A 265 23.98 -3.41 4.71
C SER A 265 24.28 -3.90 6.15
N PHE A 266 23.65 -3.26 7.15
CA PHE A 266 23.79 -3.57 8.58
C PHE A 266 23.10 -4.87 8.95
N ILE A 267 22.08 -5.27 8.17
CA ILE A 267 21.38 -6.53 8.43
C ILE A 267 21.63 -7.55 7.31
N GLY A 268 22.48 -7.17 6.36
CA GLY A 268 22.89 -8.01 5.23
C GLY A 268 22.02 -7.81 4.00
N MET A 269 21.39 -6.63 3.90
CA MET A 269 20.51 -6.30 2.78
C MET A 269 21.17 -5.50 1.67
N GLU A 270 21.01 -6.01 0.44
CA GLU A 270 21.50 -5.42 -0.81
C GLU A 270 20.68 -4.18 -1.20
N SER A 271 19.52 -3.98 -0.53
CA SER A 271 18.58 -2.88 -0.75
C SER A 271 19.17 -1.53 -0.48
N ALA A 272 18.67 -0.51 -1.19
CA ALA A 272 19.10 0.88 -1.02
C ALA A 272 18.33 1.49 0.15
N GLY A 273 18.93 2.48 0.82
CA GLY A 273 18.35 3.19 1.96
C GLY A 273 17.07 3.96 1.67
N ILE A 274 16.28 4.26 2.75
CA ILE A 274 14.99 4.97 2.70
C ILE A 274 15.11 6.36 2.06
N HIS A 275 16.29 7.01 2.18
CA HIS A 275 16.55 8.30 1.54
C HIS A 275 16.67 8.06 0.03
N GLU A 276 17.49 7.04 -0.36
CA GLU A 276 17.71 6.65 -1.76
C GLU A 276 16.40 6.28 -2.42
N THR A 277 15.61 5.33 -1.80
CA THR A 277 14.31 4.85 -2.29
C THR A 277 13.33 6.01 -2.53
N THR A 278 13.30 7.03 -1.61
CA THR A 278 12.48 8.23 -1.76
C THR A 278 12.87 8.97 -3.06
N TYR A 279 14.14 9.43 -3.15
CA TYR A 279 14.69 10.16 -4.32
C TYR A 279 14.35 9.43 -5.59
N ASN A 280 14.78 8.16 -5.67
CA ASN A 280 14.56 7.25 -6.79
C ASN A 280 13.12 7.25 -7.23
N SER A 281 12.18 7.19 -6.26
CA SER A 281 10.74 7.20 -6.53
C SER A 281 10.27 8.51 -7.19
N ILE A 282 10.71 9.68 -6.64
CA ILE A 282 10.37 10.99 -7.20
C ILE A 282 10.97 11.10 -8.62
N MET A 283 12.16 10.52 -8.85
CA MET A 283 12.80 10.52 -10.16
C MET A 283 12.02 9.70 -11.18
N LYS A 284 11.35 8.61 -10.72
CA LYS A 284 10.53 7.75 -11.60
C LYS A 284 9.29 8.52 -12.10
N CYS A 285 8.83 9.50 -11.32
CA CYS A 285 7.66 10.32 -11.60
C CYS A 285 7.95 11.30 -12.67
N ASP A 286 6.88 11.77 -13.32
CA ASP A 286 6.87 12.75 -14.39
C ASP A 286 7.54 14.05 -13.94
N ILE A 287 8.28 14.70 -14.86
CA ILE A 287 8.98 15.96 -14.60
C ILE A 287 7.99 17.06 -14.16
N ASP A 288 6.73 16.97 -14.63
CA ASP A 288 5.68 17.93 -14.32
C ASP A 288 5.15 17.85 -12.86
N ILE A 289 5.53 16.80 -12.10
CA ILE A 289 5.01 16.68 -10.73
C ILE A 289 6.12 16.68 -9.68
N ARG A 290 7.37 16.37 -10.06
CA ARG A 290 8.53 16.26 -9.15
C ARG A 290 8.64 17.36 -8.08
N LYS A 291 8.44 18.65 -8.44
CA LYS A 291 8.51 19.78 -7.48
C LYS A 291 7.56 19.60 -6.27
N ASP A 292 6.26 19.32 -6.53
CA ASP A 292 5.23 19.08 -5.52
C ASP A 292 5.59 17.91 -4.63
N LEU A 293 6.12 16.80 -5.21
CA LEU A 293 6.55 15.65 -4.39
C LEU A 293 7.76 16.02 -3.52
N TYR A 294 8.70 16.85 -4.04
CA TYR A 294 9.87 17.25 -3.27
C TYR A 294 9.48 18.06 -2.03
N ALA A 295 8.57 19.03 -2.21
CA ALA A 295 8.05 19.93 -1.18
C ALA A 295 7.02 19.32 -0.22
N ASN A 296 6.41 18.17 -0.59
CA ASN A 296 5.37 17.53 0.25
C ASN A 296 5.68 16.05 0.65
N ASN A 297 6.81 15.82 1.34
CA ASN A 297 7.24 14.48 1.80
C ASN A 297 6.51 14.09 3.09
N VAL A 298 5.59 13.13 3.07
CA VAL A 298 4.86 12.82 4.30
C VAL A 298 5.33 11.48 4.90
N MET A 299 5.77 11.52 6.17
CA MET A 299 6.23 10.38 6.95
C MET A 299 5.00 9.78 7.62
N SER A 300 4.93 8.42 7.69
CA SER A 300 3.81 7.72 8.35
C SER A 300 4.18 6.35 8.95
N GLY A 301 3.48 5.99 10.03
CA GLY A 301 3.62 4.72 10.73
C GLY A 301 4.71 4.72 11.75
N GLY A 302 4.61 3.77 12.67
CA GLY A 302 5.51 3.56 13.79
C GLY A 302 6.99 3.68 13.52
N THR A 303 7.53 3.00 12.53
CA THR A 303 8.97 3.04 12.25
C THR A 303 9.44 4.45 11.72
N THR A 304 8.58 5.49 11.76
CA THR A 304 9.02 6.84 11.41
C THR A 304 9.06 7.70 12.69
N MET A 305 8.58 7.16 13.82
CA MET A 305 8.51 7.87 15.10
C MET A 305 9.89 8.26 15.70
N TYR A 306 11.01 7.74 15.17
CA TYR A 306 12.37 8.01 15.64
C TYR A 306 12.75 9.48 15.68
N PRO A 307 13.42 9.98 16.72
CA PRO A 307 13.83 11.39 16.70
C PRO A 307 14.97 11.57 15.70
N GLY A 308 15.05 12.75 15.09
CA GLY A 308 16.10 13.05 14.12
C GLY A 308 15.92 12.48 12.72
N ILE A 309 14.96 11.53 12.52
CA ILE A 309 14.63 10.91 11.23
C ILE A 309 14.36 11.93 10.12
N ALA A 310 13.52 12.95 10.38
CA ALA A 310 13.15 13.99 9.42
C ALA A 310 14.32 14.90 9.07
N ASP A 311 15.16 15.23 10.07
CA ASP A 311 16.32 16.09 9.85
C ASP A 311 17.31 15.43 8.91
N ARG A 312 17.54 14.11 9.10
CA ARG A 312 18.44 13.31 8.31
C ARG A 312 17.93 13.22 6.91
N MET A 313 16.61 12.96 6.77
CA MET A 313 15.90 12.84 5.51
C MET A 313 16.09 14.11 4.68
N GLN A 314 15.93 15.29 5.30
CA GLN A 314 16.16 16.59 4.66
C GLN A 314 17.59 16.61 4.09
N LYS A 315 18.60 16.40 4.96
CA LYS A 315 20.04 16.36 4.66
C LYS A 315 20.44 15.40 3.52
N GLU A 316 19.85 14.19 3.49
CA GLU A 316 20.19 13.18 2.49
C GLU A 316 19.52 13.45 1.14
N ILE A 317 18.27 13.98 1.18
CA ILE A 317 17.51 14.33 -0.03
C ILE A 317 18.07 15.60 -0.67
N THR A 318 18.45 16.63 0.16
CA THR A 318 19.09 17.88 -0.31
C THR A 318 20.34 17.51 -1.12
N ALA A 319 21.08 16.48 -0.63
CA ALA A 319 22.30 15.94 -1.22
C ALA A 319 22.12 15.31 -2.61
N LEU A 320 21.05 14.51 -2.83
CA LEU A 320 20.80 13.85 -4.09
C LEU A 320 20.06 14.71 -5.10
N ALA A 321 19.06 15.47 -4.63
CA ALA A 321 18.25 16.36 -5.49
C ALA A 321 19.08 17.56 -5.99
N PRO A 322 18.69 18.24 -7.09
CA PRO A 322 19.47 19.41 -7.54
C PRO A 322 19.62 20.50 -6.47
N SER A 323 20.70 21.27 -6.53
CA SER A 323 20.99 22.33 -5.56
C SER A 323 19.85 23.34 -5.37
N THR A 324 19.16 23.68 -6.47
CA THR A 324 18.06 24.64 -6.56
C THR A 324 16.78 24.21 -5.83
N MET A 325 16.45 22.89 -5.88
CA MET A 325 15.25 22.25 -5.37
C MET A 325 14.92 22.50 -3.91
N LYS A 326 13.62 22.76 -3.62
CA LYS A 326 13.10 22.90 -2.27
C LYS A 326 12.60 21.52 -1.76
N ILE A 327 13.07 21.12 -0.57
CA ILE A 327 12.65 19.86 0.05
C ILE A 327 12.07 20.19 1.44
N LYS A 328 10.88 19.65 1.72
CA LYS A 328 10.20 19.78 3.01
C LYS A 328 9.73 18.38 3.47
N ILE A 329 10.37 17.83 4.50
CA ILE A 329 9.97 16.54 5.08
C ILE A 329 8.88 16.90 6.11
N ILE A 330 7.77 16.18 6.10
CA ILE A 330 6.64 16.42 7.00
C ILE A 330 6.44 15.21 7.87
N ALA A 331 6.65 15.39 9.16
CA ALA A 331 6.51 14.33 10.13
C ALA A 331 5.52 14.78 11.23
N PRO A 332 4.22 14.49 11.04
CA PRO A 332 3.22 14.88 12.06
C PRO A 332 3.36 14.03 13.33
N PRO A 333 3.30 14.55 14.58
CA PRO A 333 3.45 13.67 15.75
C PRO A 333 2.45 12.49 15.83
N GLU A 334 1.33 12.65 15.10
CA GLU A 334 0.24 11.68 15.00
C GLU A 334 0.60 10.54 14.03
N ARG A 335 1.71 10.70 13.27
CA ARG A 335 2.18 9.83 12.21
C ARG A 335 2.12 8.33 12.55
N LYS A 336 2.20 7.94 13.82
CA LYS A 336 2.12 6.52 14.23
C LYS A 336 0.74 5.90 13.87
N TYR A 337 -0.33 6.73 13.84
CA TYR A 337 -1.69 6.30 13.54
C TYR A 337 -2.36 7.14 12.44
N SER A 338 -1.56 7.92 11.66
CA SER A 338 -2.03 8.81 10.59
C SER A 338 -2.88 8.12 9.51
N VAL A 339 -2.64 6.82 9.19
CA VAL A 339 -3.49 6.11 8.21
C VAL A 339 -4.88 6.09 8.82
N TRP A 340 -4.99 5.48 10.04
CA TRP A 340 -6.24 5.38 10.78
C TRP A 340 -6.90 6.77 10.98
N ILE A 341 -6.10 7.78 11.41
CA ILE A 341 -6.57 9.16 11.63
C ILE A 341 -7.27 9.69 10.33
N GLY A 342 -6.64 9.46 9.19
CA GLY A 342 -7.16 9.83 7.87
C GLY A 342 -8.53 9.23 7.61
N GLY A 343 -8.62 7.90 7.72
CA GLY A 343 -9.86 7.15 7.56
C GLY A 343 -10.94 7.56 8.55
N SER A 344 -10.49 7.99 9.75
CA SER A 344 -11.39 8.46 10.79
C SER A 344 -12.06 9.74 10.33
N ILE A 345 -11.27 10.74 9.86
CA ILE A 345 -11.71 12.04 9.34
C ILE A 345 -12.63 11.82 8.12
N LEU A 346 -12.26 10.83 7.26
CA LEU A 346 -12.99 10.53 6.02
C LEU A 346 -14.38 9.97 6.26
N ALA A 347 -14.48 8.90 7.10
CA ALA A 347 -15.76 8.27 7.43
C ALA A 347 -16.68 9.24 8.21
N SER A 348 -16.07 10.26 8.86
CA SER A 348 -16.72 11.30 9.64
C SER A 348 -17.43 12.33 8.79
N LEU A 349 -16.75 12.86 7.72
CA LEU A 349 -17.31 13.87 6.81
C LEU A 349 -18.76 13.56 6.44
N SER A 350 -19.64 14.59 6.47
CA SER A 350 -21.05 14.45 6.08
C SER A 350 -21.17 14.25 4.56
N THR A 351 -20.16 14.74 3.79
CA THR A 351 -20.06 14.62 2.32
C THR A 351 -19.31 13.32 1.92
N PHE A 352 -19.51 12.26 2.71
CA PHE A 352 -18.93 10.94 2.49
C PHE A 352 -20.03 9.88 2.53
N GLN A 353 -21.22 10.20 3.08
CA GLN A 353 -22.30 9.21 3.20
C GLN A 353 -22.74 8.69 1.82
N GLN A 354 -22.53 9.52 0.78
CA GLN A 354 -22.75 9.21 -0.62
C GLN A 354 -21.72 8.15 -1.06
N MET A 355 -20.46 8.35 -0.65
CA MET A 355 -19.29 7.52 -1.00
C MET A 355 -19.34 6.05 -0.60
N TRP A 356 -20.06 5.68 0.48
CA TRP A 356 -20.13 4.28 0.93
C TRP A 356 -20.74 3.36 -0.11
N ILE A 357 -20.41 2.07 -0.02
CA ILE A 357 -20.95 1.01 -0.87
C ILE A 357 -22.01 0.37 0.03
N THR A 358 -23.29 0.45 -0.30
CA THR A 358 -24.32 -0.13 0.59
C THR A 358 -24.57 -1.58 0.19
N LYS A 359 -25.16 -2.40 1.12
CA LYS A 359 -25.50 -3.80 0.84
C LYS A 359 -26.54 -3.91 -0.28
N GLN A 360 -27.40 -2.86 -0.43
CA GLN A 360 -28.39 -2.76 -1.51
C GLN A 360 -27.64 -2.68 -2.84
N GLU A 361 -26.52 -1.91 -2.88
CA GLU A 361 -25.65 -1.75 -4.06
C GLU A 361 -24.90 -3.06 -4.34
N TYR A 362 -24.38 -3.72 -3.28
CA TYR A 362 -23.65 -5.00 -3.36
C TYR A 362 -24.55 -6.12 -3.88
N ASP A 363 -25.81 -6.15 -3.41
CA ASP A 363 -26.84 -7.13 -3.79
C ASP A 363 -27.04 -7.16 -5.30
N GLU A 364 -26.72 -6.03 -5.97
CA GLU A 364 -26.86 -5.87 -7.42
C GLU A 364 -25.58 -6.18 -8.18
N ALA A 365 -24.49 -5.41 -7.93
CA ALA A 365 -23.20 -5.51 -8.64
C ALA A 365 -22.22 -6.58 -8.16
N GLY A 366 -22.29 -6.95 -6.90
CA GLY A 366 -21.35 -7.93 -6.36
C GLY A 366 -20.05 -7.27 -5.96
N PRO A 367 -18.97 -8.05 -5.73
CA PRO A 367 -17.70 -7.44 -5.27
C PRO A 367 -16.98 -6.55 -6.28
N SER A 368 -17.34 -6.65 -7.57
CA SER A 368 -16.76 -5.85 -8.64
C SER A 368 -17.05 -4.34 -8.47
N ILE A 369 -18.12 -4.01 -7.70
CA ILE A 369 -18.55 -2.65 -7.40
C ILE A 369 -17.45 -1.85 -6.68
N VAL A 370 -16.46 -2.54 -6.07
CA VAL A 370 -15.39 -1.83 -5.35
C VAL A 370 -14.56 -0.93 -6.32
N HIS A 371 -14.31 -1.37 -7.55
CA HIS A 371 -13.51 -0.59 -8.48
C HIS A 371 -14.15 0.71 -8.80
N ARG A 372 -15.48 0.73 -9.10
CA ARG A 372 -16.25 1.94 -9.40
C ARG A 372 -16.43 2.86 -8.20
N LYS A 373 -17.05 2.34 -7.13
CA LYS A 373 -17.36 3.10 -5.92
C LYS A 373 -16.12 3.53 -5.11
N CYS A 374 -15.00 2.76 -5.17
CA CYS A 374 -13.75 3.10 -4.47
C CYS A 374 -12.63 3.50 -5.44
N PHE A 375 -12.87 4.60 -6.18
CA PHE A 375 -12.00 5.20 -7.18
C PHE A 375 -11.58 6.60 -6.72
N GLU B 1 -29.08 0.41 -21.16
CA GLU B 1 -30.30 1.13 -20.82
C GLU B 1 -30.04 2.66 -20.60
N PRO B 2 -29.32 3.15 -19.53
CA PRO B 2 -29.06 4.61 -19.45
C PRO B 2 -27.81 4.97 -20.28
N ALA B 3 -27.51 6.27 -20.50
CA ALA B 3 -26.32 6.64 -21.31
C ALA B 3 -25.84 8.05 -21.05
N LEU B 4 -24.57 8.20 -20.58
CA LEU B 4 -24.01 9.53 -20.27
C LEU B 4 -22.47 9.63 -20.39
N LEU B 5 -22.01 10.82 -20.83
CA LEU B 5 -20.62 11.29 -20.91
C LEU B 5 -20.63 12.70 -20.31
N GLU B 6 -19.98 12.88 -19.14
CA GLU B 6 -19.95 14.18 -18.42
C GLU B 6 -18.86 14.29 -17.32
N LEU B 7 -18.36 15.53 -17.10
CA LEU B 7 -17.39 15.80 -16.06
C LEU B 7 -18.12 16.03 -14.74
N GLU B 8 -18.00 15.03 -13.85
CA GLU B 8 -18.55 14.98 -12.50
C GLU B 8 -17.35 15.23 -11.61
N GLY B 9 -17.36 16.37 -10.95
CA GLY B 9 -16.26 16.85 -10.10
C GLY B 9 -15.00 16.98 -10.95
N LYS B 10 -14.08 16.05 -10.70
CA LYS B 10 -12.80 15.96 -11.39
C LYS B 10 -12.72 14.74 -12.31
N LYS B 11 -13.71 13.82 -12.25
CA LYS B 11 -13.65 12.63 -13.09
C LYS B 11 -14.68 12.60 -14.21
N TRP B 12 -14.21 12.09 -15.36
CA TRP B 12 -15.01 11.92 -16.56
C TRP B 12 -15.81 10.63 -16.43
N ARG B 13 -17.14 10.80 -16.45
CA ARG B 13 -18.11 9.74 -16.33
C ARG B 13 -18.53 9.30 -17.76
N VAL B 14 -17.74 8.40 -18.39
CA VAL B 14 -18.05 7.85 -19.73
C VAL B 14 -18.74 6.55 -19.42
N GLU B 15 -20.06 6.62 -19.24
CA GLU B 15 -20.80 5.45 -18.81
C GLU B 15 -21.96 5.07 -19.68
N ASN B 16 -22.14 3.77 -19.82
CA ASN B 16 -23.21 3.12 -20.54
C ASN B 16 -23.34 3.58 -22.01
N GLN B 17 -22.18 3.66 -22.71
CA GLN B 17 -22.12 4.01 -24.15
C GLN B 17 -22.22 2.71 -24.95
N GLU B 18 -23.05 2.71 -26.00
CA GLU B 18 -23.32 1.51 -26.79
C GLU B 18 -23.35 1.81 -28.32
N ASN B 19 -22.24 1.47 -29.03
CA ASN B 19 -21.98 1.61 -30.48
C ASN B 19 -21.78 3.08 -30.96
N VAL B 20 -20.69 3.76 -30.50
CA VAL B 20 -20.30 5.13 -30.89
C VAL B 20 -18.78 5.22 -31.15
N SER B 21 -18.42 5.36 -32.43
CA SER B 21 -17.04 5.39 -32.95
C SER B 21 -16.29 6.72 -32.81
N ASN B 22 -17.02 7.85 -32.78
CA ASN B 22 -16.49 9.21 -32.70
C ASN B 22 -16.78 9.81 -31.35
N LEU B 23 -15.98 9.44 -30.33
CA LEU B 23 -16.14 9.95 -28.96
C LEU B 23 -14.82 10.58 -28.50
N VAL B 24 -14.78 11.92 -28.36
CA VAL B 24 -13.56 12.66 -27.96
C VAL B 24 -13.73 13.51 -26.69
N ILE B 25 -12.76 13.35 -25.73
CA ILE B 25 -12.67 14.20 -24.53
C ILE B 25 -11.59 15.24 -24.85
N ASP B 26 -12.04 16.42 -25.32
CA ASP B 26 -11.17 17.51 -25.76
C ASP B 26 -10.60 18.39 -24.64
N ASP B 27 -11.46 18.91 -23.74
CA ASP B 27 -10.97 19.77 -22.67
C ASP B 27 -10.38 18.91 -21.56
N THR B 28 -9.14 19.19 -21.13
CA THR B 28 -8.45 18.32 -20.19
C THR B 28 -7.43 19.03 -19.33
N GLU B 29 -7.27 18.54 -18.10
CA GLU B 29 -6.30 19.06 -17.13
C GLU B 29 -5.63 17.91 -16.38
N LEU B 30 -4.31 18.05 -16.12
CA LEU B 30 -3.47 17.07 -15.39
C LEU B 30 -4.23 16.47 -14.20
N LYS B 31 -4.86 17.33 -13.37
CA LYS B 31 -5.68 17.07 -12.19
C LYS B 31 -6.76 16.00 -12.39
N GLN B 32 -7.47 16.03 -13.54
CA GLN B 32 -8.61 15.17 -13.89
C GLN B 32 -8.31 13.70 -14.17
N VAL B 33 -9.28 12.83 -13.85
CA VAL B 33 -9.21 11.39 -14.09
C VAL B 33 -10.38 10.96 -14.97
N ALA B 34 -10.32 9.73 -15.54
CA ALA B 34 -11.35 9.19 -16.41
C ALA B 34 -11.80 7.81 -15.96
N TYR B 35 -13.12 7.63 -15.89
CA TYR B 35 -13.69 6.34 -15.52
C TYR B 35 -14.73 5.89 -16.53
N ILE B 36 -14.28 5.06 -17.48
CA ILE B 36 -15.07 4.48 -18.58
C ILE B 36 -15.70 3.19 -18.05
N TYR B 37 -17.05 3.20 -17.93
CA TYR B 37 -17.80 2.07 -17.38
C TYR B 37 -18.97 1.65 -18.25
N LYS B 38 -19.13 0.34 -18.39
CA LYS B 38 -20.19 -0.33 -19.14
C LYS B 38 -20.33 0.15 -20.59
N CYS B 39 -19.19 0.39 -21.27
CA CYS B 39 -19.20 0.80 -22.67
C CYS B 39 -19.06 -0.42 -23.57
N VAL B 40 -20.01 -0.59 -24.48
CA VAL B 40 -20.03 -1.72 -25.38
C VAL B 40 -19.85 -1.23 -26.81
N ASN B 41 -18.82 -1.77 -27.49
CA ASN B 41 -18.47 -1.48 -28.88
C ASN B 41 -18.35 0.02 -29.18
N THR B 42 -17.67 0.78 -28.29
CA THR B 42 -17.46 2.22 -28.54
C THR B 42 -15.97 2.56 -28.59
N THR B 43 -15.63 3.63 -29.34
CA THR B 43 -14.28 4.16 -29.50
C THR B 43 -14.24 5.52 -28.83
N LEU B 44 -13.25 5.76 -27.95
CA LEU B 44 -13.05 7.00 -27.21
C LEU B 44 -11.60 7.49 -27.34
N GLN B 45 -11.42 8.82 -27.39
CA GLN B 45 -10.10 9.44 -27.49
C GLN B 45 -10.00 10.59 -26.49
N ILE B 46 -9.05 10.50 -25.54
CA ILE B 46 -8.80 11.56 -24.56
C ILE B 46 -7.68 12.40 -25.12
N LYS B 47 -7.92 13.68 -25.30
CA LYS B 47 -6.86 14.54 -25.82
C LYS B 47 -6.26 15.36 -24.67
N GLY B 48 -4.93 15.31 -24.55
CA GLY B 48 -4.18 16.00 -23.50
C GLY B 48 -3.67 15.11 -22.37
N LYS B 49 -2.91 15.70 -21.44
CA LYS B 49 -2.38 14.95 -20.30
C LYS B 49 -3.36 14.97 -19.13
N ILE B 50 -3.69 13.77 -18.62
CA ILE B 50 -4.56 13.59 -17.44
C ILE B 50 -3.90 12.64 -16.39
N ASN B 51 -4.47 12.64 -15.17
CA ASN B 51 -3.98 11.88 -14.03
C ASN B 51 -4.06 10.40 -14.30
N SER B 52 -5.26 9.84 -14.47
CA SER B 52 -5.38 8.40 -14.69
C SER B 52 -6.62 8.00 -15.44
N ILE B 53 -6.64 6.76 -15.93
CA ILE B 53 -7.77 6.19 -16.66
C ILE B 53 -8.09 4.82 -16.11
N THR B 54 -9.38 4.52 -16.00
CA THR B 54 -9.84 3.20 -15.64
C THR B 54 -10.94 2.83 -16.61
N VAL B 55 -10.97 1.53 -16.97
CA VAL B 55 -11.93 0.91 -17.88
C VAL B 55 -12.53 -0.25 -17.10
N ASP B 56 -13.78 -0.13 -16.69
CA ASP B 56 -14.42 -1.19 -15.92
C ASP B 56 -15.61 -1.78 -16.64
N ASN B 57 -15.63 -3.12 -16.72
CA ASN B 57 -16.70 -3.88 -17.35
C ASN B 57 -17.06 -3.34 -18.72
N CYS B 58 -16.06 -3.26 -19.62
CA CYS B 58 -16.30 -2.76 -20.99
C CYS B 58 -16.13 -3.90 -22.02
N LYS B 59 -17.04 -3.96 -23.01
CA LYS B 59 -17.02 -5.02 -24.02
C LYS B 59 -16.66 -4.45 -25.37
N LYS B 60 -15.61 -4.98 -26.01
CA LYS B 60 -15.11 -4.53 -27.33
C LYS B 60 -14.77 -3.01 -27.35
N LEU B 61 -14.11 -2.51 -26.29
CA LEU B 61 -13.75 -1.10 -26.15
C LEU B 61 -12.44 -0.71 -26.83
N GLY B 62 -12.39 0.53 -27.29
CA GLY B 62 -11.21 1.10 -27.92
C GLY B 62 -10.91 2.47 -27.37
N LEU B 63 -9.78 2.59 -26.67
CA LEU B 63 -9.34 3.83 -26.05
C LEU B 63 -7.97 4.31 -26.56
N VAL B 64 -7.94 5.54 -27.03
CA VAL B 64 -6.72 6.20 -27.48
C VAL B 64 -6.55 7.39 -26.54
N PHE B 65 -5.35 7.57 -26.04
CA PHE B 65 -5.12 8.73 -25.20
C PHE B 65 -3.77 9.33 -25.56
N ASP B 66 -3.57 10.57 -25.13
CA ASP B 66 -2.33 11.26 -25.40
C ASP B 66 -1.33 10.89 -24.31
N ASP B 67 -1.36 11.61 -23.19
CA ASP B 67 -0.43 11.39 -22.10
C ASP B 67 -1.11 11.11 -20.79
N VAL B 68 -0.46 10.31 -19.93
CA VAL B 68 -0.96 9.97 -18.61
C VAL B 68 0.15 10.21 -17.54
N VAL B 69 -0.21 10.73 -16.35
CA VAL B 69 0.72 10.97 -15.23
C VAL B 69 0.91 9.65 -14.40
N GLY B 70 -0.22 9.03 -14.07
CA GLY B 70 -0.33 7.84 -13.26
C GLY B 70 -0.39 6.56 -14.04
N ILE B 71 -1.57 5.93 -14.05
CA ILE B 71 -1.77 4.62 -14.65
C ILE B 71 -3.06 4.53 -15.45
N VAL B 72 -3.09 3.58 -16.40
CA VAL B 72 -4.26 3.22 -17.16
C VAL B 72 -4.60 1.82 -16.66
N GLU B 73 -5.81 1.62 -16.12
CA GLU B 73 -6.22 0.34 -15.55
C GLU B 73 -7.41 -0.25 -16.29
N ILE B 74 -7.23 -1.42 -16.90
CA ILE B 74 -8.29 -2.14 -17.61
C ILE B 74 -8.77 -3.24 -16.66
N ILE B 75 -10.04 -3.14 -16.21
CA ILE B 75 -10.63 -4.05 -15.21
C ILE B 75 -11.94 -4.69 -15.67
N ASN B 76 -12.10 -6.01 -15.37
CA ASN B 76 -13.27 -6.88 -15.63
C ASN B 76 -13.89 -6.68 -17.00
N SER B 77 -13.05 -6.40 -18.00
CA SER B 77 -13.44 -6.13 -19.39
C SER B 77 -13.13 -7.29 -20.35
N ARG B 78 -13.52 -7.15 -21.63
CA ARG B 78 -13.25 -8.12 -22.70
C ARG B 78 -13.03 -7.37 -24.01
N ASP B 79 -12.07 -7.82 -24.84
CA ASP B 79 -11.75 -7.29 -26.19
C ASP B 79 -11.49 -5.77 -26.19
N VAL B 80 -10.47 -5.33 -25.43
CA VAL B 80 -10.13 -3.92 -25.26
C VAL B 80 -8.87 -3.56 -26.03
N LYS B 81 -8.95 -2.48 -26.82
CA LYS B 81 -7.82 -1.93 -27.53
C LYS B 81 -7.43 -0.63 -26.80
N VAL B 82 -6.18 -0.54 -26.32
CA VAL B 82 -5.67 0.65 -25.64
C VAL B 82 -4.45 1.22 -26.35
N GLN B 83 -4.41 2.52 -26.62
CA GLN B 83 -3.24 3.11 -27.26
C GLN B 83 -2.76 4.41 -26.65
N VAL B 84 -1.42 4.56 -26.53
CA VAL B 84 -0.73 5.79 -26.16
C VAL B 84 -0.30 6.46 -27.42
N MET B 85 -0.43 7.77 -27.47
CA MET B 85 0.13 8.53 -28.58
C MET B 85 1.42 9.18 -28.03
N GLY B 86 1.40 9.44 -26.71
CA GLY B 86 2.52 10.04 -26.01
C GLY B 86 3.24 9.12 -25.05
N LYS B 87 3.14 9.43 -23.76
CA LYS B 87 3.76 8.78 -22.62
C LYS B 87 2.72 8.27 -21.65
N VAL B 88 3.02 7.11 -21.07
CA VAL B 88 2.24 6.40 -20.08
C VAL B 88 3.23 5.53 -19.33
N PRO B 89 3.27 5.70 -18.00
CA PRO B 89 4.21 4.94 -17.19
C PRO B 89 3.78 3.49 -16.99
N THR B 90 2.47 3.21 -16.75
CA THR B 90 1.99 1.84 -16.47
C THR B 90 0.67 1.53 -17.16
N ILE B 91 0.50 0.28 -17.60
CA ILE B 91 -0.77 -0.17 -18.13
C ILE B 91 -1.09 -1.43 -17.32
N SER B 92 -2.20 -1.43 -16.57
CA SER B 92 -2.58 -2.61 -15.78
C SER B 92 -3.78 -3.29 -16.41
N ILE B 93 -3.65 -4.59 -16.62
CA ILE B 93 -4.66 -5.41 -17.29
C ILE B 93 -5.11 -6.45 -16.23
N ASN B 94 -6.30 -6.23 -15.65
CA ASN B 94 -6.80 -7.04 -14.54
C ASN B 94 -8.18 -7.64 -14.82
N LYS B 95 -8.31 -8.97 -14.66
CA LYS B 95 -9.49 -9.79 -14.95
C LYS B 95 -10.16 -9.42 -16.30
N THR B 96 -9.32 -9.17 -17.30
CA THR B 96 -9.80 -8.82 -18.64
C THR B 96 -9.37 -9.88 -19.65
N ASP B 97 -10.20 -10.09 -20.70
CA ASP B 97 -9.89 -11.08 -21.72
C ASP B 97 -9.85 -10.45 -23.10
N GLY B 98 -8.65 -10.36 -23.64
CA GLY B 98 -8.41 -9.75 -24.93
C GLY B 98 -8.09 -8.30 -24.73
N CYS B 99 -6.80 -7.99 -24.69
CA CYS B 99 -6.34 -6.63 -24.47
C CYS B 99 -5.07 -6.37 -25.25
N HIS B 100 -5.17 -5.36 -26.12
CA HIS B 100 -4.18 -4.92 -27.08
C HIS B 100 -3.70 -3.55 -26.73
N ALA B 101 -2.48 -3.52 -26.20
CA ALA B 101 -1.78 -2.33 -25.75
C ALA B 101 -0.87 -1.88 -26.86
N TYR B 102 -1.33 -0.89 -27.63
CA TYR B 102 -0.58 -0.25 -28.70
C TYR B 102 0.23 0.82 -28.01
N LEU B 103 1.55 0.62 -27.93
CA LEU B 103 2.39 1.64 -27.32
C LEU B 103 2.80 2.73 -28.33
N SER B 104 3.56 3.72 -27.83
CA SER B 104 4.08 4.85 -28.62
C SER B 104 5.58 4.87 -28.40
N LYS B 105 6.28 5.44 -29.37
CA LYS B 105 7.74 5.58 -29.45
C LYS B 105 8.39 6.26 -28.21
N ASN B 106 7.58 6.74 -27.23
CA ASN B 106 8.01 7.36 -25.96
C ASN B 106 7.67 6.42 -24.81
N SER B 107 6.47 5.79 -24.87
CA SER B 107 5.93 4.81 -23.93
C SER B 107 6.64 3.43 -24.03
N LEU B 108 7.87 3.40 -24.57
CA LEU B 108 8.68 2.17 -24.72
C LEU B 108 9.21 1.61 -23.38
N ASP B 109 9.17 2.44 -22.32
CA ASP B 109 9.57 2.09 -20.95
C ASP B 109 8.33 1.68 -20.13
N CYS B 110 7.13 1.70 -20.79
CA CYS B 110 5.86 1.40 -20.13
C CYS B 110 5.82 0.01 -19.56
N GLU B 111 5.45 -0.08 -18.27
CA GLU B 111 5.35 -1.33 -17.52
C GLU B 111 3.92 -1.90 -17.69
N ILE B 112 3.81 -3.12 -18.29
CA ILE B 112 2.48 -3.69 -18.44
C ILE B 112 2.21 -4.67 -17.33
N VAL B 113 1.45 -4.24 -16.32
CA VAL B 113 1.04 -5.11 -15.22
C VAL B 113 -0.18 -5.95 -15.64
N SER B 114 -0.14 -7.24 -15.31
CA SER B 114 -1.16 -8.23 -15.63
C SER B 114 -1.50 -9.05 -14.40
N ALA B 115 -2.76 -9.47 -14.33
CA ALA B 115 -3.34 -10.25 -13.24
C ALA B 115 -4.67 -10.77 -13.74
N LYS B 116 -4.94 -12.08 -13.49
CA LYS B 116 -6.14 -12.83 -13.92
C LYS B 116 -6.59 -12.49 -15.38
N SER B 117 -5.63 -12.27 -16.31
CA SER B 117 -5.96 -11.89 -17.70
C SER B 117 -5.46 -12.88 -18.79
N SER B 118 -5.94 -12.67 -20.03
CA SER B 118 -5.63 -13.50 -21.19
C SER B 118 -5.63 -12.70 -22.52
N GLU B 119 -5.11 -13.27 -23.63
CA GLU B 119 -5.05 -12.64 -24.95
C GLU B 119 -4.56 -11.21 -24.84
N MET B 120 -3.36 -11.05 -24.26
CA MET B 120 -2.77 -9.73 -24.06
C MET B 120 -1.65 -9.63 -25.04
N ASN B 121 -1.59 -8.51 -25.76
CA ASN B 121 -0.57 -8.27 -26.76
C ASN B 121 -0.10 -6.87 -26.63
N VAL B 122 1.23 -6.71 -26.63
CA VAL B 122 1.91 -5.44 -26.58
C VAL B 122 2.38 -5.16 -27.99
N LEU B 123 1.87 -4.06 -28.53
CA LEU B 123 2.11 -3.64 -29.89
C LEU B 123 3.16 -2.53 -29.89
N ILE B 124 4.36 -2.84 -30.39
CA ILE B 124 5.50 -1.95 -30.48
C ILE B 124 5.62 -1.37 -31.90
N PRO B 125 5.57 -0.01 -32.08
CA PRO B 125 5.63 0.54 -33.44
C PRO B 125 7.02 0.54 -34.05
N THR B 126 7.04 0.34 -35.38
CA THR B 126 8.22 0.30 -36.23
C THR B 126 8.15 1.46 -37.21
N GLU B 127 9.27 1.77 -37.85
CA GLU B 127 9.34 2.80 -38.86
C GLU B 127 8.90 2.26 -40.22
N GLY B 128 8.02 1.27 -40.21
CA GLY B 128 7.51 0.61 -41.42
C GLY B 128 6.02 0.73 -41.69
N GLY B 129 5.39 1.74 -41.08
CA GLY B 129 3.97 2.05 -41.24
C GLY B 129 2.99 1.17 -40.50
N ASP B 130 3.53 0.27 -39.61
CA ASP B 130 2.80 -0.69 -38.76
C ASP B 130 3.45 -0.85 -37.36
N PHE B 131 2.93 -1.82 -36.58
CA PHE B 131 3.37 -2.23 -35.24
C PHE B 131 3.68 -3.72 -35.27
N ASN B 132 4.70 -4.16 -34.51
CA ASN B 132 5.01 -5.58 -34.38
C ASN B 132 4.31 -6.05 -33.10
N GLU B 133 3.57 -7.17 -33.18
CA GLU B 133 2.81 -7.72 -32.05
C GLU B 133 3.62 -8.68 -31.21
N PHE B 134 3.43 -8.60 -29.88
CA PHE B 134 4.13 -9.47 -28.94
C PHE B 134 3.18 -9.94 -27.83
N PRO B 135 2.98 -11.27 -27.63
CA PRO B 135 2.06 -11.70 -26.58
C PRO B 135 2.69 -11.62 -25.20
N VAL B 136 1.81 -11.42 -24.22
CA VAL B 136 2.09 -11.29 -22.82
C VAL B 136 1.86 -12.65 -22.24
N PRO B 137 2.74 -13.17 -21.36
CA PRO B 137 2.51 -14.53 -20.82
C PRO B 137 1.29 -14.57 -19.90
N GLU B 138 0.68 -15.76 -19.75
CA GLU B 138 -0.52 -15.83 -18.93
C GLU B 138 -0.62 -17.06 -18.08
N GLN B 139 0.44 -17.92 -18.05
CA GLN B 139 0.56 -19.17 -17.25
C GLN B 139 1.94 -19.16 -16.49
N PHE B 140 2.00 -19.56 -15.18
CA PHE B 140 3.24 -19.39 -14.38
C PHE B 140 3.68 -20.63 -13.61
N LYS B 141 4.98 -20.75 -13.30
CA LYS B 141 5.49 -21.94 -12.65
C LYS B 141 6.23 -21.68 -11.36
N THR B 142 5.59 -22.05 -10.25
CA THR B 142 6.12 -21.95 -8.92
C THR B 142 6.72 -23.27 -8.42
N LEU B 143 7.89 -23.15 -7.76
CA LEU B 143 8.63 -24.27 -7.20
C LEU B 143 9.04 -24.05 -5.74
N TRP B 144 9.18 -25.15 -4.98
CA TRP B 144 9.70 -25.05 -3.63
C TRP B 144 11.19 -25.29 -3.78
N ASN B 145 12.04 -24.30 -3.46
CA ASN B 145 13.47 -24.46 -3.63
C ASN B 145 14.16 -25.10 -2.41
N GLY B 146 13.49 -25.05 -1.27
CA GLY B 146 13.99 -25.59 -0.01
C GLY B 146 13.90 -24.58 1.11
N GLN B 147 13.80 -23.29 0.74
CA GLN B 147 13.66 -22.14 1.63
C GLN B 147 12.54 -21.17 1.21
N LYS B 148 12.23 -21.07 -0.09
CA LYS B 148 11.21 -20.15 -0.61
C LYS B 148 10.58 -20.60 -1.94
N LEU B 149 9.35 -20.12 -2.21
CA LEU B 149 8.70 -20.41 -3.49
C LEU B 149 9.41 -19.60 -4.58
N VAL B 150 9.76 -20.25 -5.70
CA VAL B 150 10.42 -19.60 -6.83
C VAL B 150 9.45 -19.66 -8.00
N THR B 151 8.98 -18.48 -8.45
CA THR B 151 8.04 -18.40 -9.56
C THR B 151 8.73 -17.91 -10.82
N THR B 152 8.56 -18.65 -11.91
CA THR B 152 9.13 -18.30 -13.20
C THR B 152 8.05 -18.16 -14.26
N VAL B 153 8.30 -17.25 -15.20
CA VAL B 153 7.39 -16.94 -16.29
C VAL B 153 7.45 -18.02 -17.37
N THR B 154 6.27 -18.66 -17.66
CA THR B 154 6.13 -19.68 -18.72
C THR B 154 6.08 -18.92 -20.05
N GLU B 155 7.27 -18.80 -20.67
CA GLU B 155 7.46 -18.05 -21.91
C GLU B 155 6.65 -18.55 -23.10
N ILE B 156 6.50 -17.67 -24.10
CA ILE B 156 5.84 -17.90 -25.39
C ILE B 156 6.89 -17.57 -26.48
N ALA B 157 8.19 -17.62 -26.09
CA ALA B 157 9.38 -17.36 -26.92
C ALA B 157 10.58 -18.13 -26.39
MG MG C . 0.38 0.46 7.72
PB ADP D . 1.86 -1.61 10.49
O1B ADP D . 1.23 -2.76 11.30
O2B ADP D . 0.76 -0.69 9.98
O3B ADP D . 2.77 -2.13 9.33
PA ADP D . 2.90 0.46 12.33
O1A ADP D . 1.67 0.35 13.29
O2A ADP D . 2.79 1.66 11.46
O3A ADP D . 2.91 -0.86 11.43
O5' ADP D . 4.31 0.47 13.15
C5' ADP D . 4.58 -0.37 14.29
C4' ADP D . 6.06 -0.68 14.33
O4' ADP D . 6.82 0.53 14.56
C3' ADP D . 6.50 -1.67 15.41
O3' ADP D . 7.57 -2.49 14.95
C2' ADP D . 6.93 -0.75 16.56
O2' ADP D . 7.89 -1.30 17.46
C1' ADP D . 7.47 0.48 15.82
N9 ADP D . 7.22 1.73 16.54
C8 ADP D . 6.07 2.07 17.21
N7 ADP D . 6.19 3.12 17.98
C5 ADP D . 7.51 3.52 17.78
C6 ADP D . 8.27 4.58 18.31
N6 ADP D . 7.80 5.44 19.22
N1 ADP D . 9.53 4.74 17.84
C2 ADP D . 10.00 3.88 16.93
N3 ADP D . 9.39 2.82 16.40
C4 ADP D . 8.14 2.69 16.87
#